data_2OMK
#
_entry.id   2OMK
#
_cell.length_a   56.309
_cell.length_b   66.084
_cell.length_c   57.552
_cell.angle_alpha   90.00
_cell.angle_beta   99.90
_cell.angle_gamma   90.00
#
_symmetry.space_group_name_H-M   'P 1 21 1'
#
loop_
_entity.id
_entity.type
_entity.pdbx_description
1 polymer 'Hypothetical protein'
2 water water
#
_entity_poly.entity_id   1
_entity_poly.type   'polypeptide(L)'
_entity_poly.pdbx_seq_one_letter_code
;MHHHHHHSSGVDLGTENLYFQSNAMINEHYIPQAIILANGEYPAHELPLRLLAEAQFVVCC(SNN)GAANEYISRGHTPD
VIIGDGDSLLPEYKKRFSSIILQISDQETNDQTKAVHYLQSKGIRKIAIVGATGKREDHTLGNISLLVEYMRSGMEVRTV
TDYGTFIPVSDTQSFASYPGQQVSIINFGAKGLKAEGLFYPLSDFTNWWQGTLNEAIADEFTIHCTGEYLVFLAY
;
_entity_poly.pdbx_strand_id   A,B
#
# COMPACT_ATOMS: atom_id res chain seq x y z
N GLY A 10 4.79 0.37 27.29
CA GLY A 10 5.94 1.32 27.16
C GLY A 10 5.85 2.14 25.89
N VAL A 11 6.76 3.10 25.74
CA VAL A 11 6.86 3.95 24.55
C VAL A 11 7.39 3.12 23.38
N ASP A 12 6.78 3.27 22.22
CA ASP A 12 7.28 2.64 21.01
C ASP A 12 8.25 3.63 20.38
N LEU A 13 9.46 3.20 20.09
CA LEU A 13 10.48 4.11 19.59
C LEU A 13 10.26 4.59 18.16
N GLY A 14 9.23 4.08 17.48
CA GLY A 14 8.90 4.54 16.12
C GLY A 14 10.07 4.34 15.19
N THR A 15 10.38 5.34 14.36
CA THR A 15 11.53 5.21 13.47
C THR A 15 12.82 5.54 14.22
N GLU A 16 12.70 6.07 15.44
CA GLU A 16 13.89 6.55 16.15
C GLU A 16 14.88 5.44 16.56
N ASN A 17 14.41 4.20 16.65
CA ASN A 17 15.33 3.06 16.84
C ASN A 17 15.81 2.42 15.51
N LEU A 18 15.42 3.03 14.39
CA LEU A 18 15.89 2.55 13.08
C LEU A 18 17.12 3.29 12.56
N TYR A 19 17.23 4.59 12.85
CA TYR A 19 18.29 5.42 12.29
C TYR A 19 19.64 5.01 12.84
N PHE A 20 20.69 5.24 12.06
CA PHE A 20 22.03 5.04 12.58
C PHE A 20 22.33 6.02 13.71
N GLN A 21 21.80 7.24 13.61
CA GLN A 21 22.00 8.26 14.64
C GLN A 21 20.66 8.84 15.09
N SER A 22 20.19 8.33 16.23
CA SER A 22 18.89 8.66 16.80
C SER A 22 18.87 9.99 17.56
N ASN A 23 17.71 10.63 17.62
CA ASN A 23 17.52 11.80 18.48
C ASN A 23 17.13 11.42 19.91
N ALA A 24 17.03 10.13 20.18
CA ALA A 24 16.38 9.62 21.40
C ALA A 24 17.30 9.25 22.57
N MET A 25 18.60 9.53 22.42
CA MET A 25 19.58 9.24 23.49
C MET A 25 19.51 7.79 23.96
N ILE A 26 19.43 6.88 22.99
CA ILE A 26 19.36 5.46 23.29
C ILE A 26 20.72 4.83 23.05
N ASN A 27 21.00 3.73 23.73
CA ASN A 27 22.31 3.10 23.62
C ASN A 27 22.30 1.87 22.71
N GLU A 28 21.16 1.63 22.07
N GLU A 28 21.17 1.64 22.05
CA GLU A 28 20.95 0.48 21.20
CA GLU A 28 20.97 0.48 21.19
C GLU A 28 20.19 0.92 19.96
C GLU A 28 20.03 0.87 20.06
N HIS A 29 19.82 -0.05 19.12
CA HIS A 29 18.88 0.16 18.02
C HIS A 29 18.05 -1.10 17.82
N TYR A 30 17.12 -1.02 16.88
CA TYR A 30 16.17 -2.09 16.61
C TYR A 30 16.81 -3.32 16.00
N ILE A 31 16.81 -4.42 16.75
CA ILE A 31 17.28 -5.70 16.25
C ILE A 31 16.22 -6.76 16.60
N PRO A 32 15.29 -7.00 15.67
CA PRO A 32 14.27 -8.00 15.95
C PRO A 32 14.86 -9.40 16.00
N GLN A 33 14.07 -10.36 16.46
CA GLN A 33 14.54 -11.74 16.51
C GLN A 33 14.69 -12.35 15.13
N ALA A 34 13.83 -11.93 14.20
CA ALA A 34 13.84 -12.46 12.84
C ALA A 34 13.30 -11.43 11.86
N ILE A 35 13.71 -11.58 10.61
CA ILE A 35 13.26 -10.73 9.52
C ILE A 35 12.52 -11.60 8.50
N ILE A 36 11.35 -11.15 8.08
CA ILE A 36 10.66 -11.75 6.94
C ILE A 36 10.92 -10.89 5.70
N LEU A 37 11.49 -11.50 4.67
CA LEU A 37 11.55 -10.85 3.36
C LEU A 37 10.34 -11.26 2.52
N ALA A 38 9.38 -10.36 2.41
CA ALA A 38 8.15 -10.64 1.65
C ALA A 38 8.36 -10.44 0.14
N ASN A 39 7.34 -10.72 -0.66
CA ASN A 39 7.49 -10.76 -2.12
C ASN A 39 7.03 -9.49 -2.87
N GLY A 40 7.16 -8.34 -2.22
CA GLY A 40 7.06 -7.05 -2.91
C GLY A 40 8.43 -6.68 -3.44
N GLU A 41 8.68 -5.39 -3.57
N GLU A 41 8.69 -5.39 -3.56
CA GLU A 41 9.98 -4.94 -4.10
CA GLU A 41 9.95 -4.89 -4.09
C GLU A 41 11.07 -5.11 -3.06
C GLU A 41 11.07 -5.08 -3.06
N TYR A 42 12.21 -5.62 -3.49
CA TYR A 42 13.37 -5.81 -2.62
C TYR A 42 13.77 -4.45 -1.98
N PRO A 43 14.10 -4.45 -0.68
CA PRO A 43 14.42 -3.19 0.00
C PRO A 43 15.50 -2.40 -0.73
N ALA A 44 15.33 -1.09 -0.84
N ALA A 44 15.25 -1.11 -0.85
CA ALA A 44 16.32 -0.26 -1.51
CA ALA A 44 16.11 -0.17 -1.57
C ALA A 44 16.91 0.83 -0.59
C ALA A 44 16.27 1.16 -0.79
N HIS A 45 16.24 1.05 0.53
CA HIS A 45 16.57 2.16 1.44
C HIS A 45 17.51 1.60 2.50
N GLU A 46 18.39 2.47 3.01
CA GLU A 46 19.40 2.04 3.99
C GLU A 46 18.81 1.40 5.24
N LEU A 47 17.62 1.82 5.65
CA LEU A 47 17.09 1.34 6.93
C LEU A 47 16.54 -0.11 6.87
N PRO A 48 15.64 -0.44 5.92
CA PRO A 48 15.32 -1.87 5.82
C PRO A 48 16.53 -2.73 5.44
N LEU A 49 17.46 -2.18 4.67
CA LEU A 49 18.69 -2.92 4.33
C LEU A 49 19.57 -3.17 5.55
N ARG A 50 19.61 -2.22 6.48
CA ARG A 50 20.31 -2.40 7.76
C ARG A 50 19.76 -3.61 8.52
N LEU A 51 18.43 -3.67 8.61
CA LEU A 51 17.78 -4.79 9.30
C LEU A 51 18.12 -6.12 8.66
N LEU A 52 18.07 -6.16 7.32
CA LEU A 52 18.39 -7.35 6.58
C LEU A 52 19.85 -7.77 6.79
N ALA A 53 20.76 -6.79 6.72
CA ALA A 53 22.19 -7.03 6.90
C ALA A 53 22.52 -7.58 8.27
N GLU A 54 21.84 -7.07 9.29
CA GLU A 54 22.12 -7.42 10.69
C GLU A 54 21.40 -8.68 11.18
N ALA A 55 20.47 -9.17 10.38
CA ALA A 55 19.62 -10.30 10.77
C ALA A 55 20.37 -11.61 10.93
N GLN A 56 20.05 -12.35 11.99
N GLN A 56 20.04 -12.36 11.98
CA GLN A 56 20.60 -13.70 12.19
CA GLN A 56 20.60 -13.69 12.19
C GLN A 56 19.57 -14.79 11.89
C GLN A 56 19.62 -14.76 11.72
N PHE A 57 18.36 -14.37 11.51
CA PHE A 57 17.33 -15.29 11.02
C PHE A 57 16.44 -14.63 9.98
N VAL A 58 16.57 -15.09 8.73
CA VAL A 58 15.83 -14.53 7.61
C VAL A 58 14.91 -15.56 6.95
N VAL A 59 13.62 -15.23 6.91
CA VAL A 59 12.61 -16.06 6.28
C VAL A 59 12.20 -15.38 4.98
N CYS A 60 12.44 -16.05 3.85
CA CYS A 60 12.09 -15.49 2.53
C CYS A 60 10.77 -16.06 2.02
N CYS A 61 9.91 -15.18 1.50
CA CYS A 61 8.62 -15.59 0.94
C CYS A 61 8.76 -15.91 -0.55
N1 SNN A 62 9.46 -16.55 -4.18
C SNN A 62 9.85 -17.12 -3.06
CA SNN A 62 8.68 -17.70 -2.30
N SNN A 62 8.65 -17.18 -0.93
C4 SNN A 62 7.48 -17.20 -3.10
C5 SNN A 62 8.14 -16.53 -4.29
O SNN A 62 11.00 -17.16 -2.65
O5 SNN A 62 7.51 -16.04 -5.22
CA GLY A 63 10.36 -15.92 -5.14
C GLY A 63 11.13 -14.69 -4.73
N ALA A 64 10.83 -14.17 -3.54
CA ALA A 64 11.69 -13.13 -2.91
C ALA A 64 13.09 -13.67 -2.63
N ALA A 65 13.20 -14.98 -2.44
CA ALA A 65 14.49 -15.60 -2.16
C ALA A 65 15.47 -15.48 -3.32
N ASN A 66 14.95 -15.38 -4.54
CA ASN A 66 15.80 -15.27 -5.73
C ASN A 66 16.77 -14.09 -5.67
N GLU A 67 16.26 -12.88 -5.42
CA GLU A 67 17.16 -11.73 -5.34
C GLU A 67 18.11 -11.82 -4.14
N TYR A 68 17.58 -12.32 -3.01
CA TYR A 68 18.38 -12.48 -1.81
C TYR A 68 19.60 -13.38 -2.09
N ILE A 69 19.34 -14.54 -2.68
CA ILE A 69 20.40 -15.48 -3.05
C ILE A 69 21.38 -14.91 -4.08
N SER A 70 20.84 -14.26 -5.11
CA SER A 70 21.65 -13.67 -6.18
C SER A 70 22.62 -12.60 -5.67
N ARG A 71 22.27 -11.94 -4.57
CA ARG A 71 23.12 -10.93 -3.94
C ARG A 71 24.11 -11.57 -2.96
N GLY A 72 24.11 -12.90 -2.93
CA GLY A 72 25.10 -13.66 -2.16
C GLY A 72 24.69 -14.01 -0.75
N HIS A 73 23.41 -13.79 -0.44
CA HIS A 73 22.92 -14.03 0.91
C HIS A 73 22.29 -15.42 1.00
N THR A 74 22.15 -15.89 2.24
N THR A 74 22.23 -15.95 2.22
CA THR A 74 21.72 -17.25 2.54
CA THR A 74 21.69 -17.29 2.44
C THR A 74 20.43 -17.23 3.36
C THR A 74 20.45 -17.26 3.32
N PRO A 75 19.29 -17.61 2.75
CA PRO A 75 18.04 -17.67 3.52
C PRO A 75 18.15 -18.75 4.60
N ASP A 76 17.46 -18.55 5.72
CA ASP A 76 17.38 -19.57 6.75
C ASP A 76 16.18 -20.48 6.50
N VAL A 77 15.11 -19.89 5.98
CA VAL A 77 13.88 -20.58 5.64
C VAL A 77 13.33 -19.97 4.36
N ILE A 78 12.76 -20.80 3.49
CA ILE A 78 11.99 -20.30 2.35
C ILE A 78 10.56 -20.79 2.49
N ILE A 79 9.61 -19.86 2.45
CA ILE A 79 8.20 -20.21 2.63
C ILE A 79 7.53 -20.31 1.28
N GLY A 80 6.71 -21.34 1.10
CA GLY A 80 5.84 -21.45 -0.05
C GLY A 80 6.35 -22.31 -1.18
N ASP A 81 6.02 -21.89 -2.41
CA ASP A 81 6.24 -22.68 -3.60
C ASP A 81 7.71 -22.70 -4.05
N GLY A 82 8.30 -23.90 -4.05
CA GLY A 82 9.66 -24.09 -4.56
C GLY A 82 9.77 -23.78 -6.03
N ASP A 83 8.66 -23.92 -6.76
CA ASP A 83 8.63 -23.64 -8.20
C ASP A 83 8.85 -22.17 -8.53
N SER A 84 8.70 -21.29 -7.54
CA SER A 84 8.93 -19.86 -7.73
C SER A 84 10.42 -19.51 -7.69
N LEU A 85 11.25 -20.48 -7.33
CA LEU A 85 12.69 -20.26 -7.29
C LEU A 85 13.34 -20.58 -8.63
N LEU A 86 14.47 -19.95 -8.92
CA LEU A 86 15.32 -20.37 -10.03
C LEU A 86 15.74 -21.81 -9.75
N PRO A 87 15.71 -22.67 -10.78
CA PRO A 87 16.03 -24.10 -10.61
C PRO A 87 17.26 -24.40 -9.76
N GLU A 88 18.37 -23.72 -10.03
N GLU A 88 18.35 -23.69 -10.04
CA GLU A 88 19.60 -23.92 -9.26
CA GLU A 88 19.62 -23.80 -9.32
C GLU A 88 19.42 -23.55 -7.78
C GLU A 88 19.45 -23.51 -7.82
N TYR A 89 18.61 -22.52 -7.52
CA TYR A 89 18.35 -22.08 -6.15
C TYR A 89 17.49 -23.07 -5.39
N LYS A 90 16.48 -23.61 -6.06
CA LYS A 90 15.64 -24.67 -5.51
C LYS A 90 16.49 -25.88 -5.13
N LYS A 91 17.43 -26.23 -6.00
CA LYS A 91 18.35 -27.33 -5.76
C LYS A 91 19.29 -27.04 -4.58
N ARG A 92 19.84 -25.83 -4.55
CA ARG A 92 20.70 -25.41 -3.44
C ARG A 92 19.99 -25.37 -2.09
N PHE A 93 18.69 -25.08 -2.09
CA PHE A 93 17.98 -24.83 -0.83
C PHE A 93 16.73 -25.67 -0.59
N SER A 94 16.64 -26.82 -1.26
CA SER A 94 15.41 -27.64 -1.20
C SER A 94 15.02 -28.01 0.22
N SER A 95 16.01 -28.23 1.08
CA SER A 95 15.76 -28.72 2.43
C SER A 95 15.26 -27.66 3.42
N ILE A 96 15.28 -26.39 3.01
CA ILE A 96 14.76 -25.31 3.87
C ILE A 96 13.48 -24.69 3.32
N ILE A 97 12.90 -25.29 2.29
CA ILE A 97 11.60 -24.88 1.75
C ILE A 97 10.51 -25.54 2.58
N LEU A 98 9.65 -24.73 3.19
N LEU A 98 9.78 -24.72 3.34
CA LEU A 98 8.55 -25.25 4.00
CA LEU A 98 8.89 -25.23 4.38
C LEU A 98 7.17 -24.80 3.51
C LEU A 98 7.72 -26.03 3.84
N GLN A 99 6.27 -25.76 3.34
N GLN A 99 7.56 -27.23 4.40
CA GLN A 99 4.86 -25.51 3.11
CA GLN A 99 6.34 -28.00 4.19
C GLN A 99 4.13 -25.69 4.44
C GLN A 99 5.39 -27.59 5.32
N ILE A 100 4.03 -24.61 5.20
N ILE A 100 4.22 -27.08 4.94
CA ILE A 100 3.51 -24.69 6.56
CA ILE A 100 3.44 -26.27 5.85
C ILE A 100 2.02 -25.06 6.56
C ILE A 100 1.93 -26.38 5.67
N SER A 101 1.30 -24.64 5.53
N SER A 101 1.24 -25.25 5.81
CA SER A 101 -0.12 -24.97 5.41
CA SER A 101 -0.21 -25.21 5.69
C SER A 101 -0.56 -25.24 3.97
C SER A 101 -0.63 -25.25 4.22
N ASP A 102 -1.47 -26.20 3.82
N ASP A 102 -1.46 -26.23 3.90
CA ASP A 102 -2.11 -26.45 2.53
CA ASP A 102 -2.04 -26.35 2.57
C ASP A 102 -3.45 -25.70 2.45
C ASP A 102 -3.15 -25.32 2.38
N GLN A 103 -3.77 -24.93 3.50
CA GLN A 103 -4.95 -24.06 3.50
C GLN A 103 -4.63 -22.55 3.34
N GLU A 104 -3.76 -22.02 4.19
CA GLU A 104 -3.35 -20.62 4.10
C GLU A 104 -2.49 -20.39 2.86
N THR A 105 -2.81 -19.37 2.07
CA THR A 105 -2.09 -19.11 0.82
C THR A 105 -1.15 -17.89 0.82
N ASN A 106 -1.28 -17.01 1.82
CA ASN A 106 -0.44 -15.82 1.90
C ASN A 106 0.89 -16.14 2.58
N ASP A 107 2.00 -16.04 1.85
CA ASP A 107 3.31 -16.46 2.37
C ASP A 107 3.77 -15.58 3.54
N GLN A 108 3.44 -14.29 3.49
CA GLN A 108 3.78 -13.41 4.62
C GLN A 108 3.16 -13.95 5.92
N THR A 109 1.89 -14.33 5.85
CA THR A 109 1.16 -14.88 6.98
C THR A 109 1.76 -16.22 7.43
N LYS A 110 2.03 -17.11 6.47
CA LYS A 110 2.71 -18.37 6.76
C LYS A 110 4.06 -18.19 7.46
N ALA A 111 4.83 -17.20 7.00
CA ALA A 111 6.12 -16.85 7.63
C ALA A 111 5.95 -16.43 9.08
N VAL A 112 4.94 -15.58 9.34
CA VAL A 112 4.67 -15.14 10.72
C VAL A 112 4.28 -16.32 11.60
N HIS A 113 3.40 -17.17 11.06
CA HIS A 113 2.94 -18.34 11.80
C HIS A 113 4.07 -19.33 12.08
N TYR A 114 4.95 -19.55 11.10
CA TYR A 114 6.15 -20.37 11.30
C TYR A 114 7.01 -19.84 12.44
N LEU A 115 7.29 -18.53 12.43
CA LEU A 115 8.11 -17.92 13.46
C LEU A 115 7.44 -18.00 14.84
N GLN A 116 6.14 -17.77 14.90
CA GLN A 116 5.40 -17.89 16.14
C GLN A 116 5.49 -19.30 16.74
N SER A 117 5.37 -20.34 15.92
N SER A 117 5.39 -20.32 15.89
CA SER A 117 5.46 -21.72 16.39
CA SER A 117 5.47 -21.72 16.29
C SER A 117 6.86 -22.04 16.94
C SER A 117 6.87 -22.13 16.74
N LYS A 118 7.85 -21.30 16.44
N LYS A 118 7.85 -21.28 16.46
CA LYS A 118 9.24 -21.44 16.86
CA LYS A 118 9.22 -21.50 16.91
C LYS A 118 9.52 -20.70 18.17
C LYS A 118 9.49 -20.77 18.23
N GLY A 119 8.49 -20.06 18.74
CA GLY A 119 8.61 -19.31 20.00
C GLY A 119 9.22 -17.93 19.85
N ILE A 120 9.23 -17.43 18.61
CA ILE A 120 9.73 -16.09 18.30
C ILE A 120 8.55 -15.10 18.37
N ARG A 121 8.79 -13.91 18.91
CA ARG A 121 7.71 -12.91 18.98
C ARG A 121 7.97 -11.52 18.39
N LYS A 122 9.23 -11.12 18.31
N LYS A 122 9.24 -11.14 18.30
CA LYS A 122 9.59 -9.79 17.81
CA LYS A 122 9.62 -9.85 17.74
C LYS A 122 10.19 -9.89 16.41
C LYS A 122 10.14 -10.01 16.31
N ILE A 123 9.44 -9.41 15.42
N ILE A 123 9.39 -9.46 15.36
CA ILE A 123 9.82 -9.59 14.01
CA ILE A 123 9.69 -9.64 13.94
C ILE A 123 9.58 -8.35 13.17
C ILE A 123 9.64 -8.30 13.21
N ALA A 124 10.39 -8.19 12.12
CA ALA A 124 10.18 -7.12 11.15
C ALA A 124 9.98 -7.74 9.76
N ILE A 125 9.11 -7.11 8.98
CA ILE A 125 8.87 -7.50 7.61
C ILE A 125 9.44 -6.42 6.71
N VAL A 126 10.26 -6.85 5.75
CA VAL A 126 10.78 -5.95 4.72
C VAL A 126 10.36 -6.48 3.35
N GLY A 127 10.40 -5.58 2.36
CA GLY A 127 9.98 -5.92 1.01
C GLY A 127 8.52 -6.29 0.85
N ALA A 128 7.64 -5.75 1.71
CA ALA A 128 6.21 -6.12 1.69
C ALA A 128 5.36 -5.34 0.68
N THR A 129 5.92 -4.23 0.18
CA THR A 129 5.15 -3.32 -0.67
C THR A 129 5.89 -3.04 -1.99
N GLY A 130 5.20 -2.36 -2.90
CA GLY A 130 5.85 -1.81 -4.10
C GLY A 130 5.63 -2.54 -5.43
N LYS A 131 4.96 -3.68 -5.39
CA LYS A 131 4.55 -4.36 -6.61
C LYS A 131 3.02 -4.25 -6.74
N ARG A 132 2.33 -5.35 -7.04
CA ARG A 132 0.87 -5.32 -7.15
C ARG A 132 0.23 -4.65 -5.94
N GLU A 133 -0.63 -3.66 -6.18
CA GLU A 133 -1.17 -2.87 -5.06
C GLU A 133 -2.14 -3.65 -4.19
N ASP A 134 -2.83 -4.64 -4.75
CA ASP A 134 -3.67 -5.50 -3.93
C ASP A 134 -2.85 -6.35 -2.93
N HIS A 135 -1.67 -6.80 -3.33
CA HIS A 135 -0.73 -7.43 -2.41
C HIS A 135 -0.25 -6.45 -1.33
N THR A 136 0.06 -5.22 -1.75
CA THR A 136 0.48 -4.17 -0.80
C THR A 136 -0.61 -3.94 0.27
N LEU A 137 -1.84 -3.74 -0.19
CA LEU A 137 -2.97 -3.48 0.72
C LEU A 137 -3.22 -4.64 1.66
N GLY A 138 -3.26 -5.85 1.12
CA GLY A 138 -3.41 -7.06 1.95
C GLY A 138 -2.30 -7.22 2.97
N ASN A 139 -1.05 -7.14 2.50
CA ASN A 139 0.11 -7.30 3.38
C ASN A 139 0.14 -6.32 4.55
N ILE A 140 -0.21 -5.07 4.27
CA ILE A 140 -0.23 -4.03 5.30
C ILE A 140 -1.33 -4.30 6.32
N SER A 141 -2.53 -4.61 5.83
CA SER A 141 -3.67 -4.83 6.70
C SER A 141 -3.49 -6.03 7.63
N LEU A 142 -2.69 -6.99 7.19
CA LEU A 142 -2.44 -8.21 7.97
C LEU A 142 -1.71 -7.96 9.28
N LEU A 143 -0.99 -6.84 9.35
CA LEU A 143 -0.29 -6.45 10.58
C LEU A 143 -1.21 -6.43 11.80
N VAL A 144 -2.45 -5.98 11.59
CA VAL A 144 -3.46 -5.99 12.65
C VAL A 144 -3.73 -7.41 13.16
N GLU A 145 -3.87 -8.37 12.24
CA GLU A 145 -4.07 -9.77 12.64
C GLU A 145 -2.87 -10.33 13.41
N TYR A 146 -1.65 -10.03 12.93
CA TYR A 146 -0.47 -10.55 13.62
C TYR A 146 -0.35 -10.03 15.04
N MET A 147 -0.65 -8.76 15.23
N MET A 147 -0.64 -8.75 15.21
CA MET A 147 -0.62 -8.14 16.56
CA MET A 147 -0.57 -8.08 16.51
C MET A 147 -1.64 -8.84 17.47
C MET A 147 -1.56 -8.71 17.48
N ARG A 148 -2.86 -9.00 16.97
N ARG A 148 -2.76 -9.01 17.01
CA ARG A 148 -3.91 -9.69 17.73
CA ARG A 148 -3.78 -9.63 17.85
C ARG A 148 -3.46 -11.07 18.18
C ARG A 148 -3.40 -11.05 18.23
N SER A 149 -2.67 -11.74 17.36
CA SER A 149 -2.20 -13.09 17.63
C SER A 149 -1.09 -13.09 18.69
N GLY A 150 -0.62 -11.91 19.07
CA GLY A 150 0.38 -11.74 20.11
C GLY A 150 1.81 -11.52 19.63
N MET A 151 1.96 -11.22 18.34
CA MET A 151 3.29 -10.97 17.79
C MET A 151 3.60 -9.47 17.87
N GLU A 152 4.89 -9.14 18.02
N GLU A 152 4.89 -9.16 18.01
CA GLU A 152 5.33 -7.74 17.94
CA GLU A 152 5.37 -7.78 17.99
C GLU A 152 5.99 -7.54 16.58
C GLU A 152 6.02 -7.53 16.62
N VAL A 153 5.24 -6.93 15.66
N VAL A 153 5.24 -6.98 15.70
CA VAL A 153 5.62 -6.92 14.26
CA VAL A 153 5.63 -6.88 14.30
C VAL A 153 5.58 -5.50 13.66
C VAL A 153 5.69 -5.43 13.82
N ARG A 154 6.59 -5.18 12.87
CA ARG A 154 6.66 -3.91 12.14
C ARG A 154 6.85 -4.25 10.68
N THR A 155 6.29 -3.42 9.82
CA THR A 155 6.66 -3.51 8.42
C THR A 155 7.50 -2.28 8.09
N VAL A 156 8.69 -2.52 7.55
CA VAL A 156 9.65 -1.45 7.33
C VAL A 156 9.85 -1.29 5.82
N THR A 157 9.45 -0.14 5.29
CA THR A 157 9.44 0.08 3.83
C THR A 157 10.60 0.98 3.40
N ASP A 158 10.65 1.33 2.12
CA ASP A 158 11.63 2.31 1.63
C ASP A 158 11.34 3.75 2.10
N TYR A 159 10.20 3.96 2.75
CA TYR A 159 9.73 5.31 3.04
C TYR A 159 9.31 5.56 4.51
N GLY A 160 9.07 4.49 5.24
CA GLY A 160 8.71 4.61 6.64
C GLY A 160 8.40 3.27 7.25
N THR A 161 7.81 3.28 8.44
CA THR A 161 7.44 2.03 9.10
C THR A 161 5.95 2.04 9.46
N PHE A 162 5.30 0.91 9.23
CA PHE A 162 3.95 0.64 9.70
C PHE A 162 4.00 -0.11 11.03
N ILE A 163 3.28 0.38 12.02
CA ILE A 163 3.20 -0.25 13.32
C ILE A 163 1.71 -0.46 13.67
N PRO A 164 1.29 -1.72 13.90
CA PRO A 164 -0.08 -1.99 14.31
C PRO A 164 -0.21 -1.72 15.82
N VAL A 165 -1.36 -1.18 16.21
CA VAL A 165 -1.52 -0.65 17.56
C VAL A 165 -2.92 -1.03 18.10
N SER A 166 -2.97 -1.21 19.41
N SER A 166 -3.00 -1.19 19.41
CA SER A 166 -4.23 -1.39 20.13
CA SER A 166 -4.29 -1.39 20.09
C SER A 166 -4.29 -0.34 21.23
C SER A 166 -4.36 -0.47 21.31
N ASP A 167 -5.46 0.27 21.41
CA ASP A 167 -5.71 1.21 22.51
C ASP A 167 -4.68 2.35 22.65
N THR A 168 -4.33 2.71 23.88
CA THR A 168 -3.46 3.86 24.09
C THR A 168 -1.99 3.49 23.87
N GLN A 169 -1.28 4.33 23.12
CA GLN A 169 0.12 4.10 22.82
C GLN A 169 0.91 5.39 22.63
N SER A 170 2.09 5.45 23.25
CA SER A 170 3.03 6.56 23.06
C SER A 170 4.14 6.18 22.08
N PHE A 171 4.60 7.17 21.31
CA PHE A 171 5.64 7.01 20.30
C PHE A 171 6.69 8.08 20.43
N ALA A 172 7.96 7.67 20.31
CA ALA A 172 9.05 8.61 20.14
C ALA A 172 8.96 9.17 18.73
N SER A 173 9.36 10.43 18.57
N SER A 173 9.36 10.43 18.57
CA SER A 173 9.27 11.12 17.28
CA SER A 173 9.27 11.12 17.28
C SER A 173 10.29 12.25 17.19
C SER A 173 10.26 12.29 17.22
N TYR A 174 10.09 13.13 16.20
CA TYR A 174 10.88 14.35 16.08
C TYR A 174 9.98 15.43 15.51
N PRO A 175 10.28 16.71 15.83
CA PRO A 175 9.44 17.80 15.34
C PRO A 175 9.33 17.79 13.82
N GLY A 176 8.11 17.77 13.33
CA GLY A 176 7.87 17.77 11.89
C GLY A 176 7.76 16.39 11.26
N GLN A 177 7.98 15.34 12.05
CA GLN A 177 7.84 13.99 11.49
C GLN A 177 6.41 13.78 10.99
N GLN A 178 6.31 13.26 9.79
N GLN A 178 6.29 13.25 9.79
CA GLN A 178 5.03 12.90 9.18
CA GLN A 178 4.95 13.00 9.25
C GLN A 178 4.47 11.65 9.83
C GLN A 178 4.41 11.65 9.70
N VAL A 179 3.21 11.71 10.27
CA VAL A 179 2.58 10.61 10.97
C VAL A 179 1.21 10.39 10.36
N SER A 180 0.93 9.17 9.93
CA SER A 180 -0.35 8.85 9.33
C SER A 180 -1.01 7.77 10.18
N ILE A 181 -2.31 7.95 10.44
CA ILE A 181 -3.06 7.04 11.27
C ILE A 181 -4.18 6.44 10.43
N ILE A 182 -4.20 5.12 10.34
CA ILE A 182 -5.26 4.41 9.61
C ILE A 182 -6.09 3.63 10.61
N ASN A 183 -7.40 3.89 10.58
CA ASN A 183 -8.29 3.32 11.58
C ASN A 183 -8.78 1.93 11.18
N PHE A 184 -8.72 1.02 12.15
CA PHE A 184 -9.23 -0.33 11.98
C PHE A 184 -10.28 -0.61 13.05
N GLY A 185 -11.23 0.31 13.17
CA GLY A 185 -12.37 0.14 14.07
C GLY A 185 -12.20 0.73 15.45
N ALA A 186 -11.12 1.48 15.66
CA ALA A 186 -10.89 2.13 16.96
C ALA A 186 -11.87 3.28 17.17
N LYS A 187 -12.16 3.56 18.43
CA LYS A 187 -13.13 4.59 18.79
C LYS A 187 -12.57 5.49 19.88
N GLY A 188 -12.98 6.76 19.86
CA GLY A 188 -12.52 7.76 20.81
C GLY A 188 -11.10 8.24 20.55
N LEU A 189 -10.70 8.29 19.28
CA LEU A 189 -9.33 8.68 18.92
C LEU A 189 -9.05 10.11 19.34
N LYS A 190 -8.00 10.27 20.15
CA LYS A 190 -7.48 11.58 20.51
C LYS A 190 -6.00 11.47 20.76
N ALA A 191 -5.29 12.57 20.54
CA ALA A 191 -3.86 12.57 20.67
C ALA A 191 -3.34 13.82 21.34
N GLU A 192 -2.16 13.69 21.94
CA GLU A 192 -1.34 14.80 22.38
C GLU A 192 -0.04 14.68 21.59
N GLY A 193 0.46 15.82 21.13
CA GLY A 193 1.76 15.84 20.45
C GLY A 193 1.68 15.80 18.93
N LEU A 194 0.47 15.83 18.39
CA LEU A 194 0.27 15.89 16.94
C LEU A 194 -0.33 17.23 16.54
N PHE A 195 -0.01 17.70 15.34
CA PHE A 195 -0.45 19.03 14.88
C PHE A 195 -1.97 19.11 14.73
N TYR A 196 -2.56 18.08 14.10
CA TYR A 196 -4.00 18.02 13.92
C TYR A 196 -4.68 17.12 14.93
N PRO A 197 -5.76 17.62 15.55
CA PRO A 197 -6.61 16.79 16.38
C PRO A 197 -7.15 15.61 15.60
N LEU A 198 -7.29 14.47 16.27
CA LEU A 198 -7.82 13.28 15.63
C LEU A 198 -9.34 13.26 15.64
N SER A 199 -9.90 12.45 14.75
CA SER A 199 -11.32 12.10 14.75
C SER A 199 -11.42 10.59 14.52
N ASP A 200 -12.63 10.03 14.64
CA ASP A 200 -12.79 8.60 14.41
C ASP A 200 -12.87 8.33 12.90
N PHE A 201 -11.69 8.23 12.28
CA PHE A 201 -11.55 8.24 10.83
C PHE A 201 -12.38 7.15 10.16
N THR A 202 -13.12 7.55 9.13
CA THR A 202 -14.01 6.66 8.39
C THR A 202 -13.48 6.29 7.00
N ASN A 203 -12.48 7.02 6.51
CA ASN A 203 -11.78 6.63 5.28
C ASN A 203 -10.26 6.87 5.41
N TRP A 204 -9.47 6.16 4.61
CA TRP A 204 -8.03 6.04 4.88
C TRP A 204 -7.28 7.37 4.82
N TRP A 205 -7.65 8.24 3.89
CA TRP A 205 -6.96 9.50 3.68
C TRP A 205 -7.04 10.45 4.87
N GLN A 206 -8.14 10.36 5.62
CA GLN A 206 -8.50 11.37 6.63
C GLN A 206 -7.44 11.54 7.71
N GLY A 207 -6.87 10.42 8.17
CA GLY A 207 -5.85 10.45 9.21
C GLY A 207 -4.43 10.49 8.70
N THR A 208 -4.23 10.59 7.39
CA THR A 208 -2.87 10.65 6.86
C THR A 208 -2.27 12.04 6.96
N LEU A 209 -0.93 12.08 6.93
CA LEU A 209 -0.16 13.33 6.83
C LEU A 209 -0.37 14.31 7.99
N ASN A 210 -0.62 13.76 9.17
CA ASN A 210 -0.48 14.52 10.41
C ASN A 210 1.03 14.74 10.67
N GLU A 211 1.34 15.41 11.77
CA GLU A 211 2.70 15.82 12.01
C GLU A 211 2.97 15.83 13.50
N ALA A 212 4.10 15.25 13.91
CA ALA A 212 4.54 15.38 15.29
C ALA A 212 5.01 16.82 15.54
N ILE A 213 4.61 17.37 16.68
N ILE A 213 4.64 17.37 16.69
CA ILE A 213 5.05 18.71 17.07
CA ILE A 213 5.06 18.73 17.05
C ILE A 213 6.39 18.61 17.78
C ILE A 213 6.17 18.75 18.11
N ALA A 214 6.56 17.55 18.58
CA ALA A 214 7.71 17.42 19.49
C ALA A 214 8.42 16.06 19.36
N ASP A 215 9.08 15.62 20.44
N ASP A 215 9.07 15.62 20.43
CA ASP A 215 9.88 14.38 20.45
CA ASP A 215 9.85 14.37 20.42
C ASP A 215 9.08 13.16 20.91
C ASP A 215 9.05 13.14 20.84
N GLU A 216 7.82 13.36 21.28
CA GLU A 216 6.93 12.26 21.67
C GLU A 216 5.48 12.63 21.39
N PHE A 217 4.68 11.64 21.01
CA PHE A 217 3.23 11.83 20.94
C PHE A 217 2.51 10.61 21.48
N THR A 218 1.26 10.80 21.90
CA THR A 218 0.49 9.70 22.46
C THR A 218 -0.89 9.69 21.82
N ILE A 219 -1.31 8.51 21.37
CA ILE A 219 -2.65 8.32 20.81
C ILE A 219 -3.46 7.51 21.81
N HIS A 220 -4.66 7.99 22.11
CA HIS A 220 -5.59 7.32 23.02
C HIS A 220 -6.81 6.86 22.24
N CYS A 221 -7.28 5.66 22.55
CA CYS A 221 -8.53 5.13 21.99
C CYS A 221 -8.83 3.76 22.56
N THR A 222 -9.94 3.19 22.10
CA THR A 222 -10.23 1.77 22.29
C THR A 222 -10.35 1.15 20.92
N GLY A 223 -9.56 0.11 20.68
CA GLY A 223 -9.64 -0.60 19.42
C GLY A 223 -8.32 -0.56 18.67
N GLU A 224 -8.36 -1.01 17.43
CA GLU A 224 -7.15 -1.27 16.65
C GLU A 224 -6.95 -0.21 15.59
N TYR A 225 -5.69 0.13 15.35
CA TYR A 225 -5.36 1.06 14.29
C TYR A 225 -3.94 0.79 13.84
N LEU A 226 -3.54 1.52 12.81
CA LEU A 226 -2.22 1.37 12.23
C LEU A 226 -1.60 2.76 12.17
N VAL A 227 -0.33 2.85 12.54
CA VAL A 227 0.43 4.10 12.44
C VAL A 227 1.54 3.93 11.40
N PHE A 228 1.64 4.89 10.49
CA PHE A 228 2.78 4.95 9.56
C PHE A 228 3.62 6.17 9.91
N LEU A 229 4.89 5.92 10.19
CA LEU A 229 5.83 6.99 10.48
C LEU A 229 6.82 7.09 9.34
N ALA A 230 6.85 8.24 8.69
CA ALA A 230 7.74 8.48 7.57
C ALA A 230 9.14 8.79 8.11
N TYR A 231 10.17 8.35 7.40
CA TYR A 231 11.55 8.53 7.87
C TYR A 231 11.90 10.00 8.06
N ASN B 23 -26.88 0.24 -14.06
CA ASN B 23 -25.42 0.44 -14.28
C ASN B 23 -24.89 -0.37 -15.45
N ALA B 24 -24.21 0.31 -16.37
CA ALA B 24 -23.61 -0.34 -17.55
C ALA B 24 -22.35 -1.10 -17.16
N MET B 25 -22.09 -2.20 -17.86
CA MET B 25 -20.98 -3.10 -17.56
C MET B 25 -19.62 -2.40 -17.67
N ILE B 26 -18.79 -2.60 -16.65
CA ILE B 26 -17.43 -2.09 -16.66
C ILE B 26 -16.54 -2.95 -17.54
N ASN B 27 -15.95 -2.31 -18.55
CA ASN B 27 -15.14 -2.98 -19.55
C ASN B 27 -13.69 -2.50 -19.53
N GLU B 28 -12.81 -3.24 -20.22
N GLU B 28 -12.83 -3.24 -20.23
CA GLU B 28 -11.40 -2.91 -20.34
CA GLU B 28 -11.41 -2.94 -20.36
C GLU B 28 -11.12 -1.69 -21.24
C GLU B 28 -11.15 -1.69 -21.21
N HIS B 29 -11.97 -1.50 -22.25
CA HIS B 29 -11.82 -0.39 -23.20
C HIS B 29 -12.22 0.97 -22.59
N TYR B 30 -11.34 1.49 -21.73
CA TYR B 30 -11.61 2.74 -21.03
C TYR B 30 -10.89 3.89 -21.72
N ILE B 31 -11.67 4.83 -22.26
CA ILE B 31 -11.12 6.03 -22.87
C ILE B 31 -11.55 7.28 -22.10
N PRO B 32 -10.65 7.81 -21.26
CA PRO B 32 -11.01 8.98 -20.46
C PRO B 32 -10.88 10.28 -21.26
N GLN B 33 -11.64 11.28 -20.83
CA GLN B 33 -11.57 12.63 -21.38
C GLN B 33 -10.29 13.35 -20.92
N ALA B 34 -9.79 12.96 -19.76
CA ALA B 34 -8.59 13.59 -19.19
C ALA B 34 -7.77 12.59 -18.37
N ILE B 35 -6.47 12.82 -18.28
CA ILE B 35 -5.59 12.02 -17.44
C ILE B 35 -5.02 12.89 -16.33
N ILE B 36 -4.99 12.36 -15.11
CA ILE B 36 -4.29 13.02 -14.02
C ILE B 36 -2.99 12.25 -13.78
N LEU B 37 -1.86 12.94 -13.88
CA LEU B 37 -0.59 12.35 -13.50
C LEU B 37 -0.30 12.74 -12.07
N ALA B 38 -0.49 11.78 -11.17
CA ALA B 38 -0.29 12.01 -9.74
C ALA B 38 1.21 11.97 -9.41
N ASN B 39 1.53 12.20 -8.15
CA ASN B 39 2.91 12.40 -7.73
C ASN B 39 3.55 11.17 -7.07
N GLY B 40 3.00 9.99 -7.38
CA GLY B 40 3.66 8.73 -7.03
C GLY B 40 4.73 8.38 -8.06
N GLU B 41 4.99 7.09 -8.21
CA GLU B 41 6.03 6.67 -9.15
C GLU B 41 5.56 6.84 -10.58
N TYR B 42 6.38 7.47 -11.41
CA TYR B 42 6.04 7.64 -12.83
C TYR B 42 5.73 6.29 -13.47
N PRO B 43 4.66 6.20 -14.29
CA PRO B 43 4.28 4.91 -14.89
C PRO B 43 5.37 4.26 -15.73
N ALA B 44 5.43 2.93 -15.65
CA ALA B 44 6.38 2.14 -16.44
C ALA B 44 5.68 1.12 -17.37
N HIS B 45 4.46 0.71 -17.00
CA HIS B 45 3.71 -0.27 -17.80
C HIS B 45 3.17 0.38 -19.06
N GLU B 46 3.01 -0.43 -20.11
N GLU B 46 3.03 -0.43 -20.12
CA GLU B 46 2.54 0.06 -21.41
CA GLU B 46 2.54 0.05 -21.43
C GLU B 46 1.19 0.76 -21.38
C GLU B 46 1.19 0.76 -21.38
N LEU B 47 0.25 0.23 -20.60
CA LEU B 47 -1.10 0.80 -20.54
C LEU B 47 -1.12 2.26 -20.04
N PRO B 48 -0.65 2.52 -18.81
CA PRO B 48 -0.62 3.92 -18.37
C PRO B 48 0.24 4.84 -19.25
N LEU B 49 1.34 4.31 -19.79
CA LEU B 49 2.18 5.08 -20.71
C LEU B 49 1.46 5.44 -22.02
N ARG B 50 0.72 4.48 -22.58
CA ARG B 50 -0.11 4.73 -23.77
C ARG B 50 -1.24 5.72 -23.50
N LEU B 51 -1.92 5.57 -22.37
CA LEU B 51 -2.97 6.50 -21.93
C LEU B 51 -2.45 7.94 -21.85
N LEU B 52 -1.24 8.07 -21.33
CA LEU B 52 -0.58 9.37 -21.16
C LEU B 52 -0.20 9.95 -22.53
N ALA B 53 0.33 9.08 -23.40
CA ALA B 53 0.76 9.48 -24.75
C ALA B 53 -0.39 9.93 -25.65
N GLU B 54 -1.53 9.28 -25.54
CA GLU B 54 -2.70 9.60 -26.37
C GLU B 54 -3.76 10.46 -25.65
N ALA B 55 -3.40 10.99 -24.49
CA ALA B 55 -4.30 11.82 -23.69
C ALA B 55 -4.74 13.10 -24.43
N GLN B 56 -6.02 13.42 -24.30
CA GLN B 56 -6.58 14.65 -24.87
C GLN B 56 -6.23 15.83 -23.97
N PHE B 57 -6.13 15.55 -22.67
CA PHE B 57 -5.91 16.56 -21.66
C PHE B 57 -5.16 15.92 -20.50
N VAL B 58 -4.06 16.55 -20.07
CA VAL B 58 -3.26 16.04 -18.96
C VAL B 58 -3.11 17.09 -17.87
N VAL B 59 -3.46 16.69 -16.64
CA VAL B 59 -3.23 17.52 -15.46
C VAL B 59 -2.14 16.87 -14.61
N CYS B 60 -1.07 17.62 -14.34
CA CYS B 60 0.06 17.10 -13.54
C CYS B 60 0.02 17.60 -12.11
N CYS B 61 0.30 16.71 -11.16
CA CYS B 61 0.31 17.07 -9.75
C CYS B 61 1.73 17.44 -9.31
N1 SNN B 62 5.30 18.22 -8.49
C SNN B 62 4.35 18.84 -9.17
CA SNN B 62 3.19 19.20 -8.29
N SNN B 62 1.95 18.67 -8.84
C4 SNN B 62 3.55 18.54 -6.96
C5 SNN B 62 4.93 17.99 -7.23
O SNN B 62 4.37 19.08 -10.37
O5 SNN B 62 5.60 17.42 -6.38
CA GLY B 63 6.52 17.75 -9.14
C GLY B 63 6.51 16.74 -10.24
N ALA B 64 5.44 15.95 -10.38
CA ALA B 64 5.18 15.07 -11.55
C ALA B 64 5.34 15.81 -12.88
N ALA B 65 5.02 17.10 -12.87
CA ALA B 65 5.18 17.95 -14.05
C ALA B 65 6.63 17.98 -14.54
N ASN B 66 7.58 18.10 -13.61
CA ASN B 66 8.99 18.07 -13.98
C ASN B 66 9.40 16.76 -14.65
N GLU B 67 8.89 15.64 -14.15
CA GLU B 67 9.19 14.34 -14.76
C GLU B 67 8.56 14.23 -16.15
N TYR B 68 7.33 14.73 -16.27
CA TYR B 68 6.57 14.66 -17.52
C TYR B 68 7.24 15.46 -18.63
N ILE B 69 7.66 16.68 -18.30
CA ILE B 69 8.31 17.58 -19.25
C ILE B 69 9.68 17.06 -19.68
N SER B 70 10.42 16.49 -18.73
CA SER B 70 11.76 15.96 -19.00
C SER B 70 11.73 14.79 -19.98
N ARG B 71 10.58 14.13 -20.09
CA ARG B 71 10.39 13.04 -21.05
C ARG B 71 9.82 13.54 -22.37
N GLY B 72 9.87 14.86 -22.57
CA GLY B 72 9.52 15.48 -23.84
C GLY B 72 8.03 15.67 -24.07
N HIS B 73 7.26 15.72 -22.98
CA HIS B 73 5.82 15.88 -23.07
C HIS B 73 5.38 17.27 -22.65
N THR B 74 4.11 17.58 -22.92
CA THR B 74 3.55 18.91 -22.66
C THR B 74 2.23 18.79 -21.89
N PRO B 75 2.23 19.22 -20.60
CA PRO B 75 1.00 19.16 -19.81
C PRO B 75 0.05 20.30 -20.16
N ASP B 76 -1.22 20.12 -19.84
CA ASP B 76 -2.24 21.16 -20.08
C ASP B 76 -2.45 22.02 -18.84
N VAL B 77 -2.39 21.38 -17.67
CA VAL B 77 -2.57 22.06 -16.37
C VAL B 77 -1.57 21.51 -15.36
N ILE B 78 -1.02 22.39 -14.53
CA ILE B 78 -0.16 21.97 -13.43
C ILE B 78 -0.76 22.42 -12.11
N ILE B 79 -0.95 21.48 -11.20
CA ILE B 79 -1.50 21.79 -9.90
C ILE B 79 -0.40 21.84 -8.84
N GLY B 80 -0.18 23.04 -8.31
CA GLY B 80 0.93 23.32 -7.40
C GLY B 80 1.02 24.79 -7.04
N ASP B 81 2.08 25.17 -6.33
CA ASP B 81 2.17 26.49 -5.69
C ASP B 81 2.98 27.55 -6.45
N GLY B 82 3.37 27.26 -7.69
CA GLY B 82 4.20 28.19 -8.46
C GLY B 82 5.69 27.91 -8.30
N ASP B 83 6.08 27.45 -7.12
CA ASP B 83 7.45 27.01 -6.87
C ASP B 83 7.59 25.51 -7.12
N SER B 84 6.69 24.98 -7.96
CA SER B 84 6.68 23.55 -8.28
C SER B 84 7.68 23.24 -9.41
N LEU B 85 7.51 23.92 -10.55
CA LEU B 85 8.35 23.71 -11.73
C LEU B 85 9.80 24.15 -11.53
N LEU B 86 10.72 23.49 -12.23
CA LEU B 86 12.07 23.99 -12.41
C LEU B 86 11.99 25.31 -13.18
N PRO B 87 12.68 26.36 -12.69
CA PRO B 87 12.79 27.63 -13.42
C PRO B 87 12.99 27.45 -14.92
N GLU B 88 13.79 26.46 -15.30
CA GLU B 88 14.06 26.11 -16.70
C GLU B 88 12.79 25.77 -17.50
N TYR B 89 11.81 25.15 -16.85
CA TYR B 89 10.54 24.84 -17.48
C TYR B 89 9.51 25.96 -17.27
N LYS B 90 9.72 26.77 -16.23
CA LYS B 90 8.81 27.89 -15.88
C LYS B 90 8.66 28.91 -17.00
N LYS B 91 9.75 29.18 -17.72
CA LYS B 91 9.73 30.10 -18.86
C LYS B 91 9.03 29.51 -20.09
N ARG B 92 8.14 28.54 -19.85
N ARG B 92 8.18 28.50 -19.86
CA ARG B 92 7.45 27.83 -20.91
CA ARG B 92 7.40 27.86 -20.92
C ARG B 92 6.05 27.37 -20.47
C ARG B 92 5.99 27.54 -20.43
N PHE B 93 5.90 27.12 -19.16
CA PHE B 93 4.62 26.64 -18.59
C PHE B 93 4.13 27.38 -17.34
N SER B 94 4.56 28.62 -17.14
CA SER B 94 4.12 29.38 -15.97
C SER B 94 2.63 29.78 -16.04
N SER B 95 2.11 29.88 -17.25
CA SER B 95 0.73 30.29 -17.49
C SER B 95 -0.30 29.20 -17.14
N ILE B 96 0.12 27.94 -17.21
CA ILE B 96 -0.79 26.81 -16.96
C ILE B 96 -0.74 26.26 -15.52
N ILE B 97 -0.05 26.97 -14.63
CA ILE B 97 0.02 26.59 -13.22
C ILE B 97 -1.19 27.14 -12.47
N LEU B 98 -1.77 26.31 -11.61
CA LEU B 98 -2.98 26.68 -10.86
C LEU B 98 -2.96 26.21 -9.41
N GLN B 99 -3.52 27.04 -8.53
CA GLN B 99 -3.68 26.72 -7.11
C GLN B 99 -4.57 25.49 -6.89
N GLU B 104 -7.75 23.61 0.46
CA GLU B 104 -6.60 22.74 0.73
C GLU B 104 -7.05 21.29 0.91
N THR B 105 -6.35 20.39 0.21
CA THR B 105 -6.56 18.93 0.24
C THR B 105 -5.29 18.28 -0.32
N ASN B 106 -5.40 17.09 -0.92
CA ASN B 106 -4.27 16.56 -1.68
C ASN B 106 -4.38 16.87 -3.19
N ASP B 107 -3.24 16.85 -3.89
CA ASP B 107 -3.18 17.30 -5.28
C ASP B 107 -4.04 16.48 -6.24
N GLN B 108 -4.13 15.18 -6.00
CA GLN B 108 -5.00 14.32 -6.80
C GLN B 108 -6.45 14.81 -6.75
N THR B 109 -6.91 15.11 -5.54
CA THR B 109 -8.28 15.57 -5.30
C THR B 109 -8.53 16.93 -5.97
N LYS B 110 -7.56 17.84 -5.84
CA LYS B 110 -7.63 19.15 -6.49
C LYS B 110 -7.72 18.99 -8.00
N ALA B 111 -6.95 18.04 -8.54
CA ALA B 111 -7.00 17.73 -9.98
C ALA B 111 -8.36 17.24 -10.42
N VAL B 112 -8.94 16.33 -9.64
CA VAL B 112 -10.28 15.82 -9.92
C VAL B 112 -11.30 16.94 -9.90
N HIS B 113 -11.26 17.76 -8.84
CA HIS B 113 -12.22 18.85 -8.66
C HIS B 113 -12.12 19.92 -9.74
N TYR B 114 -10.89 20.25 -10.14
CA TYR B 114 -10.66 21.15 -11.27
C TYR B 114 -11.30 20.65 -12.55
N LEU B 115 -11.02 19.38 -12.88
CA LEU B 115 -11.59 18.75 -14.07
C LEU B 115 -13.12 18.70 -13.99
N GLN B 116 -13.64 18.43 -12.80
CA GLN B 116 -15.10 18.42 -12.56
C GLN B 116 -15.72 19.80 -12.81
N SER B 117 -14.96 20.84 -12.47
CA SER B 117 -15.41 22.22 -12.67
C SER B 117 -15.48 22.60 -14.15
N LYS B 118 -14.72 21.89 -14.98
CA LYS B 118 -14.70 22.12 -16.44
C LYS B 118 -15.65 21.21 -17.21
N GLY B 119 -16.53 20.52 -16.51
CA GLY B 119 -17.51 19.63 -17.14
C GLY B 119 -16.99 18.26 -17.57
N ILE B 120 -15.75 17.96 -17.23
CA ILE B 120 -15.18 16.63 -17.47
C ILE B 120 -15.83 15.66 -16.48
N ARG B 121 -16.16 14.47 -16.97
N ARG B 121 -16.19 14.47 -16.96
CA ARG B 121 -16.88 13.46 -16.18
CA ARG B 121 -16.82 13.46 -16.10
C ARG B 121 -16.20 12.08 -16.20
C ARG B 121 -16.05 12.15 -16.07
N LYS B 122 -15.18 11.93 -17.06
CA LYS B 122 -14.51 10.64 -17.24
C LYS B 122 -12.98 10.76 -17.25
N ILE B 123 -12.36 10.18 -16.22
CA ILE B 123 -10.95 10.42 -15.93
C ILE B 123 -10.20 9.12 -15.61
N ALA B 124 -8.92 9.08 -15.97
CA ALA B 124 -8.01 8.07 -15.45
C ALA B 124 -6.89 8.75 -14.68
N ILE B 125 -6.53 8.18 -13.53
CA ILE B 125 -5.39 8.66 -12.77
C ILE B 125 -4.24 7.68 -12.98
N VAL B 126 -3.05 8.22 -13.30
CA VAL B 126 -1.83 7.41 -13.42
C VAL B 126 -0.76 7.97 -12.48
N GLY B 127 0.19 7.12 -12.11
CA GLY B 127 1.26 7.52 -11.20
C GLY B 127 0.80 7.84 -9.79
N ALA B 128 -0.27 7.19 -9.33
CA ALA B 128 -0.82 7.49 -8.00
C ALA B 128 -0.22 6.64 -6.88
N THR B 129 0.55 5.61 -7.23
CA THR B 129 1.11 4.68 -6.25
C THR B 129 2.63 4.52 -6.41
N GLY B 130 3.25 3.79 -5.49
CA GLY B 130 4.64 3.37 -5.66
C GLY B 130 5.73 4.19 -4.99
N LYS B 131 5.36 5.25 -4.29
CA LYS B 131 6.31 5.95 -3.41
C LYS B 131 5.86 5.73 -1.96
N ARG B 132 5.89 6.79 -1.15
N ARG B 132 5.92 6.77 -1.13
CA ARG B 132 5.40 6.73 0.23
CA ARG B 132 5.54 6.62 0.27
C ARG B 132 4.07 6.00 0.32
C ARG B 132 4.12 6.06 0.41
N GLU B 133 3.99 5.00 1.20
CA GLU B 133 2.79 4.18 1.26
C GLU B 133 1.58 4.88 1.85
N ASP B 134 1.80 5.86 2.71
CA ASP B 134 0.67 6.63 3.25
C ASP B 134 0.00 7.47 2.15
N HIS B 135 0.80 7.97 1.21
CA HIS B 135 0.28 8.67 0.02
C HIS B 135 -0.50 7.70 -0.88
N THR B 136 0.04 6.50 -1.09
CA THR B 136 -0.65 5.45 -1.85
C THR B 136 -2.01 5.16 -1.24
N LEU B 137 -2.03 4.93 0.07
CA LEU B 137 -3.28 4.63 0.78
C LEU B 137 -4.30 5.75 0.69
N GLY B 138 -3.86 6.99 0.88
CA GLY B 138 -4.73 8.16 0.75
C GLY B 138 -5.31 8.26 -0.66
N ASN B 139 -4.43 8.18 -1.66
CA ASN B 139 -4.80 8.32 -3.06
C ASN B 139 -5.84 7.28 -3.49
N ILE B 140 -5.65 6.04 -3.06
N ILE B 140 -5.67 6.04 -3.05
CA ILE B 140 -6.56 4.95 -3.39
CA ILE B 140 -6.58 4.97 -3.42
C ILE B 140 -7.93 5.16 -2.74
C ILE B 140 -7.94 5.11 -2.73
N SER B 141 -7.93 5.50 -1.45
CA SER B 141 -9.18 5.66 -0.68
C SER B 141 -10.07 6.79 -1.20
N LEU B 142 -9.46 7.78 -1.83
CA LEU B 142 -10.21 8.94 -2.33
C LEU B 142 -11.07 8.60 -3.56
N LEU B 143 -10.70 7.54 -4.27
CA LEU B 143 -11.48 7.09 -5.45
C LEU B 143 -12.95 6.91 -5.17
N VAL B 144 -13.27 6.30 -4.03
CA VAL B 144 -14.65 6.02 -3.66
C VAL B 144 -15.44 7.32 -3.45
N GLU B 145 -14.73 8.37 -3.06
CA GLU B 145 -15.34 9.66 -2.80
C GLU B 145 -15.61 10.43 -4.09
N TYR B 146 -14.72 10.28 -5.07
CA TYR B 146 -14.90 10.96 -6.36
C TYR B 146 -16.17 10.52 -7.09
N MET B 147 -16.47 9.22 -7.02
N MET B 147 -16.47 9.23 -7.04
CA MET B 147 -17.63 8.68 -7.73
CA MET B 147 -17.63 8.68 -7.74
C MET B 147 -18.97 9.13 -7.15
C MET B 147 -18.96 9.15 -7.14
N ARG B 148 -19.01 9.31 -5.83
CA ARG B 148 -20.24 9.71 -5.14
C ARG B 148 -20.57 11.16 -5.43
N SER B 149 -19.53 11.92 -5.77
CA SER B 149 -19.66 13.28 -6.29
C SER B 149 -20.22 13.30 -7.72
N GLY B 150 -20.17 12.16 -8.42
CA GLY B 150 -20.69 12.07 -9.78
C GLY B 150 -19.64 11.89 -10.87
N MET B 151 -18.38 11.71 -10.47
CA MET B 151 -17.28 11.55 -11.41
C MET B 151 -17.01 10.07 -11.72
N GLU B 152 -16.64 9.79 -12.96
CA GLU B 152 -16.19 8.44 -13.34
C GLU B 152 -14.66 8.44 -13.37
N VAL B 153 -14.06 7.78 -12.39
CA VAL B 153 -12.61 7.80 -12.22
C VAL B 153 -12.08 6.38 -12.06
N ARG B 154 -10.93 6.12 -12.67
CA ARG B 154 -10.21 4.86 -12.49
C ARG B 154 -8.75 5.19 -12.25
N THR B 155 -8.08 4.38 -11.42
CA THR B 155 -6.65 4.54 -11.21
C THR B 155 -5.92 3.38 -11.84
N VAL B 156 -5.03 3.70 -12.76
CA VAL B 156 -4.34 2.71 -13.55
C VAL B 156 -2.90 2.64 -13.06
N THR B 157 -2.47 1.46 -12.63
CA THR B 157 -1.11 1.28 -12.11
C THR B 157 -0.28 0.43 -13.06
N ASP B 158 0.94 0.07 -12.65
CA ASP B 158 1.79 -0.82 -13.45
C ASP B 158 1.35 -2.29 -13.36
N TYR B 159 0.34 -2.58 -12.52
CA TYR B 159 -0.04 -3.95 -12.21
C TYR B 159 -1.52 -4.27 -12.38
N GLY B 160 -2.34 -3.23 -12.47
CA GLY B 160 -3.78 -3.40 -12.59
C GLY B 160 -4.51 -2.09 -12.54
N THR B 161 -5.83 -2.17 -12.41
CA THR B 161 -6.69 -0.99 -12.39
C THR B 161 -7.57 -1.03 -11.14
N PHE B 162 -7.63 0.10 -10.43
CA PHE B 162 -8.59 0.30 -9.33
C PHE B 162 -9.85 0.95 -9.85
N ILE B 163 -10.99 0.35 -9.54
CA ILE B 163 -12.28 0.88 -9.98
C ILE B 163 -13.20 1.02 -8.77
N PRO B 164 -13.57 2.26 -8.41
CA PRO B 164 -14.55 2.46 -7.34
C PRO B 164 -15.95 2.15 -7.85
N VAL B 165 -16.76 1.51 -7.01
CA VAL B 165 -18.08 1.02 -7.41
C VAL B 165 -19.09 1.26 -6.30
N SER B 166 -20.35 1.34 -6.68
CA SER B 166 -21.43 1.29 -5.70
C SER B 166 -22.54 0.37 -6.18
N ASP B 167 -23.17 -0.33 -5.23
CA ASP B 167 -24.29 -1.22 -5.50
C ASP B 167 -23.94 -2.29 -6.54
N THR B 168 -24.95 -2.79 -7.26
CA THR B 168 -24.76 -3.90 -8.18
C THR B 168 -24.04 -3.47 -9.45
N GLN B 169 -23.01 -4.23 -9.84
CA GLN B 169 -22.17 -3.87 -10.98
C GLN B 169 -21.59 -5.11 -11.66
N SER B 170 -21.67 -5.13 -13.00
N SER B 170 -21.67 -5.15 -12.99
CA SER B 170 -21.08 -6.21 -13.80
CA SER B 170 -21.06 -6.23 -13.77
C SER B 170 -19.73 -5.76 -14.37
C SER B 170 -19.75 -5.77 -14.38
N PHE B 171 -18.82 -6.71 -14.52
CA PHE B 171 -17.46 -6.45 -14.98
C PHE B 171 -17.08 -7.45 -16.05
N ALA B 172 -16.47 -6.98 -17.13
CA ALA B 172 -15.89 -7.89 -18.11
C ALA B 172 -14.60 -8.47 -17.55
N SER B 173 -14.35 -9.74 -17.83
CA SER B 173 -13.16 -10.42 -17.31
C SER B 173 -12.73 -11.55 -18.23
N TYR B 174 -11.64 -12.21 -17.87
CA TYR B 174 -11.26 -13.45 -18.51
C TYR B 174 -11.03 -14.53 -17.45
N PRO B 175 -11.32 -15.80 -17.78
CA PRO B 175 -11.08 -16.85 -16.79
C PRO B 175 -9.66 -16.85 -16.27
N GLY B 176 -9.52 -16.83 -14.95
CA GLY B 176 -8.22 -16.84 -14.30
C GLY B 176 -7.72 -15.45 -13.93
N GLN B 177 -8.45 -14.42 -14.37
CA GLN B 177 -8.06 -13.05 -14.04
C GLN B 177 -8.20 -12.83 -12.54
N GLN B 178 -7.15 -12.32 -11.93
N GLN B 178 -7.13 -12.32 -11.93
CA GLN B 178 -7.15 -12.09 -10.49
CA GLN B 178 -7.12 -12.04 -10.51
C GLN B 178 -7.90 -10.82 -10.16
C GLN B 178 -7.97 -10.82 -10.21
N VAL B 179 -8.83 -10.93 -9.20
CA VAL B 179 -9.72 -9.84 -8.81
C VAL B 179 -9.65 -9.68 -7.30
N SER B 180 -9.39 -8.45 -6.85
CA SER B 180 -9.37 -8.15 -5.42
C SER B 180 -10.46 -7.14 -5.09
N ILE B 181 -11.22 -7.45 -4.04
CA ILE B 181 -12.33 -6.59 -3.62
C ILE B 181 -12.05 -6.03 -2.23
N ILE B 182 -12.07 -4.71 -2.12
CA ILE B 182 -11.87 -4.04 -0.85
C ILE B 182 -13.14 -3.26 -0.51
N ASN B 183 -13.72 -3.58 0.64
CA ASN B 183 -15.01 -3.03 1.01
C ASN B 183 -14.87 -1.61 1.57
N PHE B 184 -15.82 -0.75 1.22
CA PHE B 184 -15.89 0.59 1.76
C PHE B 184 -17.27 0.84 2.36
N GLY B 185 -17.73 -0.16 3.13
CA GLY B 185 -18.97 -0.06 3.89
C GLY B 185 -20.18 -0.73 3.28
N ALA B 186 -20.01 -1.36 2.12
CA ALA B 186 -21.11 -2.04 1.43
C ALA B 186 -21.63 -3.24 2.22
N LYS B 187 -22.93 -3.50 2.09
CA LYS B 187 -23.58 -4.60 2.79
C LYS B 187 -24.26 -5.54 1.80
N GLY B 188 -24.27 -6.83 2.16
CA GLY B 188 -24.91 -7.85 1.35
C GLY B 188 -24.11 -8.23 0.12
N LEU B 189 -22.79 -8.11 0.19
CA LEU B 189 -21.93 -8.50 -0.92
C LEU B 189 -22.09 -9.98 -1.28
N LYS B 190 -22.39 -10.21 -2.56
CA LYS B 190 -22.43 -11.56 -3.13
C LYS B 190 -22.12 -11.42 -4.61
N ALA B 191 -21.61 -12.49 -5.21
CA ALA B 191 -21.19 -12.44 -6.61
C ALA B 191 -21.59 -13.67 -7.41
N GLU B 192 -21.60 -13.50 -8.73
CA GLU B 192 -21.52 -14.62 -9.66
C GLU B 192 -20.30 -14.41 -10.54
N GLY B 193 -19.64 -15.50 -10.90
CA GLY B 193 -18.48 -15.44 -11.80
C GLY B 193 -17.13 -15.32 -11.10
N LEU B 194 -17.12 -15.43 -9.78
CA LEU B 194 -15.85 -15.46 -9.02
C LEU B 194 -15.61 -16.80 -8.34
N PHE B 195 -14.34 -17.16 -8.21
CA PHE B 195 -13.97 -18.45 -7.63
C PHE B 195 -14.39 -18.61 -6.18
N TYR B 196 -14.21 -17.55 -5.39
CA TYR B 196 -14.60 -17.57 -3.99
C TYR B 196 -15.84 -16.72 -3.76
N PRO B 197 -16.73 -17.18 -2.88
CA PRO B 197 -17.92 -16.39 -2.57
C PRO B 197 -17.55 -15.16 -1.76
N LEU B 198 -18.40 -14.15 -1.79
CA LEU B 198 -18.12 -12.91 -1.06
C LEU B 198 -18.87 -12.85 0.27
N SER B 199 -18.39 -11.98 1.15
CA SER B 199 -19.09 -11.61 2.38
C SER B 199 -18.79 -10.13 2.62
N ASP B 200 -19.35 -9.55 3.69
CA ASP B 200 -19.17 -8.13 3.93
C ASP B 200 -17.82 -7.92 4.62
N PHE B 201 -16.77 -7.91 3.80
CA PHE B 201 -15.39 -7.78 4.28
C PHE B 201 -15.18 -6.57 5.18
N THR B 202 -14.25 -6.68 6.12
N THR B 202 -14.26 -6.73 6.15
CA THR B 202 -13.81 -5.52 6.88
CA THR B 202 -14.03 -5.80 7.27
C THR B 202 -12.33 -5.30 6.54
C THR B 202 -12.56 -5.41 7.45
N ASN B 203 -11.45 -5.98 7.25
N ASN B 203 -11.65 -6.23 6.92
CA ASN B 203 -10.03 -5.85 6.98
CA ASN B 203 -10.24 -5.86 6.83
C ASN B 203 -9.70 -6.13 5.50
C ASN B 203 -9.73 -6.14 5.42
N TRP B 204 -8.75 -5.37 4.96
CA TRP B 204 -8.47 -5.30 3.51
C TRP B 204 -8.05 -6.61 2.85
N TRP B 205 -7.29 -7.45 3.57
CA TRP B 205 -6.80 -8.70 2.99
C TRP B 205 -7.93 -9.69 2.65
N GLN B 206 -9.08 -9.54 3.31
CA GLN B 206 -10.12 -10.59 3.30
C GLN B 206 -10.64 -10.88 1.90
N GLY B 207 -10.86 -9.83 1.11
CA GLY B 207 -11.43 -9.95 -0.24
C GLY B 207 -10.42 -9.93 -1.36
N THR B 208 -9.13 -9.97 -1.02
CA THR B 208 -8.09 -9.93 -2.05
C THR B 208 -7.84 -11.31 -2.66
N LEU B 209 -7.35 -11.30 -3.90
CA LEU B 209 -6.86 -12.50 -4.59
C LEU B 209 -7.95 -13.53 -4.89
N ASN B 210 -9.12 -13.02 -5.23
CA ASN B 210 -10.18 -13.81 -5.85
C ASN B 210 -9.81 -13.97 -7.33
N GLU B 211 -10.66 -14.66 -8.07
CA GLU B 211 -10.35 -14.99 -9.46
C GLU B 211 -11.64 -15.10 -10.24
N ALA B 212 -11.67 -14.49 -11.44
CA ALA B 212 -12.79 -14.65 -12.34
C ALA B 212 -12.77 -16.07 -12.90
N ILE B 213 -13.93 -16.70 -12.99
CA ILE B 213 -14.02 -18.07 -13.53
C ILE B 213 -14.63 -18.09 -14.94
N ALA B 214 -15.06 -16.92 -15.41
CA ALA B 214 -15.73 -16.78 -16.70
C ALA B 214 -15.36 -15.46 -17.39
N ASP B 215 -16.15 -15.07 -18.40
CA ASP B 215 -15.90 -13.86 -19.19
C ASP B 215 -16.53 -12.58 -18.61
N GLU B 216 -17.30 -12.77 -17.56
N GLU B 216 -17.31 -12.76 -17.55
CA GLU B 216 -17.87 -11.65 -16.82
CA GLU B 216 -17.99 -11.67 -16.87
C GLU B 216 -18.13 -12.08 -15.39
C GLU B 216 -18.27 -12.07 -15.41
N PHE B 217 -18.20 -11.11 -14.50
CA PHE B 217 -18.64 -11.33 -13.13
C PHE B 217 -19.48 -10.16 -12.67
N THR B 218 -20.40 -10.44 -11.76
CA THR B 218 -21.30 -9.42 -11.23
C THR B 218 -21.24 -9.46 -9.71
N ILE B 219 -21.08 -8.29 -9.11
CA ILE B 219 -21.11 -8.13 -7.66
C ILE B 219 -22.40 -7.42 -7.26
N HIS B 220 -23.15 -8.03 -6.35
CA HIS B 220 -24.39 -7.45 -5.82
C HIS B 220 -24.17 -6.95 -4.40
N CYS B 221 -24.66 -5.76 -4.09
CA CYS B 221 -24.66 -5.22 -2.73
C CYS B 221 -25.42 -3.89 -2.67
N THR B 222 -25.43 -3.28 -1.48
CA THR B 222 -25.81 -1.89 -1.32
C THR B 222 -24.65 -1.18 -0.63
N GLY B 223 -24.14 -0.12 -1.26
CA GLY B 223 -23.03 0.65 -0.70
C GLY B 223 -21.81 0.66 -1.59
N GLU B 224 -20.70 1.17 -1.04
CA GLU B 224 -19.50 1.47 -1.80
C GLU B 224 -18.42 0.43 -1.58
N TYR B 225 -17.65 0.16 -2.63
CA TYR B 225 -16.54 -0.79 -2.58
C TYR B 225 -15.58 -0.52 -3.72
N LEU B 226 -14.46 -1.22 -3.69
CA LEU B 226 -13.39 -0.94 -4.63
C LEU B 226 -12.91 -2.25 -5.20
N VAL B 227 -12.78 -2.33 -6.52
CA VAL B 227 -12.30 -3.53 -7.18
C VAL B 227 -10.94 -3.26 -7.82
N PHE B 228 -9.99 -4.15 -7.56
CA PHE B 228 -8.70 -4.10 -8.27
C PHE B 228 -8.66 -5.29 -9.24
N LEU B 229 -8.55 -4.98 -10.53
CA LEU B 229 -8.41 -5.99 -11.56
C LEU B 229 -6.96 -6.05 -11.98
N ALA B 230 -6.29 -7.16 -11.67
CA ALA B 230 -4.90 -7.37 -12.07
C ALA B 230 -4.86 -7.60 -13.58
N TYR B 231 -3.82 -7.10 -14.23
CA TYR B 231 -3.69 -7.27 -15.68
C TYR B 231 -3.81 -8.73 -16.11
#